data_5QIW
#
_entry.id   5QIW
#
_cell.length_a   47.370
_cell.length_b   58.590
_cell.length_c   49.860
_cell.angle_alpha   90.000
_cell.angle_beta   116.070
_cell.angle_gamma   90.000
#
_symmetry.space_group_name_H-M   'P 1 21 1'
#
loop_
_entity.id
_entity.type
_entity.pdbx_description
1 polymer 'Ubiquitin thioesterase OTUB2'
2 non-polymer N-[(E)-(4-methylphenyl)methylidene]acetamide
3 non-polymer 'UNKNOWN LIGAND'
4 water water
#
_entity_poly.entity_id   1
_entity_poly.type   'polypeptide(L)'
_entity_poly.pdbx_seq_one_letter_code
;FNLISEKCDILSILRDHPENRIYRRKIEELSKRFTAIRKTKGDRNCFYRALGYSYLESLLGKSREIFKFKERVLQTPNDL
LAAGFEEHKFRNFFNAFYSVVELVEKDGSVSSLLKVFNDQSASDHIVQFLRLLTSAFIRNRADFFRHFIDEEMDIKDFCT
HEVEPMATECDHIQITALSQALSIALQVEYVDEMDTALNHHVFPEAATPSVYLLYKTSHYNILYA
;
_entity_poly.pdbx_strand_id   A
#
# COMPACT_ATOMS: atom_id res chain seq x y z
N PHE A 1 -12.88 9.77 -9.83
CA PHE A 1 -11.52 9.14 -9.85
C PHE A 1 -10.52 10.10 -9.18
N ASN A 2 -11.01 10.90 -7.92
CA ASN A 2 -10.17 11.88 -7.31
C ASN A 2 -9.19 11.23 -6.34
N LEU A 3 -9.37 9.96 -5.95
CA LEU A 3 -8.40 9.32 -5.02
C LEU A 3 -7.46 8.36 -5.76
N ILE A 4 -7.98 7.55 -6.68
CA ILE A 4 -7.24 6.66 -7.56
C ILE A 4 -7.75 6.83 -9.00
N SER A 5 -6.83 7.16 -9.90
CA SER A 5 -7.13 7.50 -11.30
C SER A 5 -7.42 6.26 -12.15
N GLU A 6 -7.96 6.53 -13.35
CA GLU A 6 -7.95 5.64 -14.47
C GLU A 6 -6.50 5.32 -14.89
N LYS A 7 -6.29 4.21 -15.61
CA LYS A 7 -4.96 3.87 -16.16
C LYS A 7 -4.55 4.83 -17.27
N CYS A 8 -3.29 5.30 -17.24
CA CYS A 8 -2.68 6.12 -18.30
C CYS A 8 -1.39 5.45 -18.79
N ASP A 9 -1.00 5.75 -20.04
CA ASP A 9 0.32 5.34 -20.57
C ASP A 9 1.41 5.91 -19.66
N ILE A 10 2.49 5.14 -19.47
CA ILE A 10 3.61 5.52 -18.58
C ILE A 10 4.20 6.87 -19.00
N LEU A 11 4.30 7.15 -20.32
CA LEU A 11 5.00 8.37 -20.80
C LEU A 11 4.14 9.64 -20.55
N SER A 12 2.88 9.46 -20.16
CA SER A 12 2.00 10.59 -19.81
C SER A 12 2.51 11.38 -18.58
N ILE A 13 3.40 10.81 -17.75
CA ILE A 13 3.87 11.54 -16.57
C ILE A 13 5.08 12.43 -16.90
N LEU A 14 5.61 12.41 -18.13
CA LEU A 14 6.62 13.42 -18.53
C LEU A 14 6.13 14.86 -18.30
N ARG A 15 4.82 15.11 -18.50
CA ARG A 15 4.24 16.46 -18.37
C ARG A 15 4.27 16.95 -16.93
N ASP A 16 4.50 16.05 -15.97
CA ASP A 16 4.60 16.44 -14.56
C ASP A 16 5.97 17.04 -14.24
N HIS A 17 6.96 16.83 -15.12
CA HIS A 17 8.35 17.28 -14.91
C HIS A 17 8.92 17.86 -16.20
N PRO A 18 8.26 18.86 -16.81
CA PRO A 18 8.64 19.29 -18.15
C PRO A 18 10.06 19.85 -18.11
N GLU A 19 10.83 19.66 -19.20
CA GLU A 19 12.20 20.23 -19.32
C GLU A 19 13.04 19.93 -18.07
N ASN A 20 12.98 18.68 -17.60
CA ASN A 20 13.82 18.22 -16.54
C ASN A 20 14.58 16.98 -17.05
N ARG A 21 15.89 17.12 -17.29
CA ARG A 21 16.71 16.09 -17.94
C ARG A 21 16.65 14.78 -17.19
N ILE A 22 16.88 14.81 -15.89
CA ILE A 22 17.03 13.55 -15.08
C ILE A 22 15.67 12.83 -14.96
N TYR A 23 14.57 13.55 -14.71
CA TYR A 23 13.24 12.92 -14.66
C TYR A 23 12.87 12.34 -16.04
N ARG A 24 13.12 13.10 -17.10
CA ARG A 24 12.83 12.61 -18.43
C ARG A 24 13.61 11.30 -18.67
N ARG A 25 14.93 11.27 -18.37
CA ARG A 25 15.74 10.02 -18.58
C ARG A 25 15.11 8.82 -17.83
N LYS A 26 14.82 9.00 -16.53
CA LYS A 26 14.37 7.87 -15.69
C LYS A 26 12.97 7.43 -16.10
N ILE A 27 12.08 8.35 -16.48
CA ILE A 27 10.69 7.97 -16.92
C ILE A 27 10.77 7.18 -18.25
N GLU A 28 11.65 7.61 -19.16
CA GLU A 28 11.85 6.86 -20.41
C GLU A 28 12.34 5.44 -20.13
N GLU A 29 13.33 5.32 -19.23
CA GLU A 29 13.82 3.98 -18.82
C GLU A 29 12.69 3.14 -18.22
N LEU A 30 11.87 3.77 -17.37
CA LEU A 30 10.81 3.07 -16.65
C LEU A 30 9.81 2.52 -17.67
N SER A 31 9.60 3.26 -18.76
CA SER A 31 8.64 2.93 -19.80
C SER A 31 9.07 1.68 -20.59
N LYS A 32 10.34 1.27 -20.47
CA LYS A 32 10.88 0.08 -21.16
C LYS A 32 10.40 -1.19 -20.44
N ARG A 33 10.04 -1.08 -19.14
CA ARG A 33 9.78 -2.17 -18.25
C ARG A 33 8.31 -2.20 -17.78
N PHE A 34 7.61 -1.05 -17.84
CA PHE A 34 6.18 -0.92 -17.42
C PHE A 34 5.34 -0.24 -18.52
N THR A 35 4.07 -0.62 -18.65
CA THR A 35 3.21 -0.13 -19.75
C THR A 35 2.24 1.00 -19.31
N ALA A 36 1.79 0.98 -18.04
CA ALA A 36 0.74 1.87 -17.60
C ALA A 36 0.94 2.25 -16.12
N ILE A 37 0.22 3.32 -15.72
CA ILE A 37 0.27 3.89 -14.36
C ILE A 37 -1.11 4.38 -13.95
N ARG A 38 -1.41 4.26 -12.65
CA ARG A 38 -2.51 4.96 -12.04
C ARG A 38 -1.95 5.92 -10.98
N LYS A 39 -2.49 7.13 -10.95
CA LYS A 39 -2.08 8.13 -9.98
C LYS A 39 -2.97 8.06 -8.73
N THR A 40 -2.41 8.40 -7.56
CA THR A 40 -3.10 8.44 -6.29
C THR A 40 -3.08 9.89 -5.77
N LYS A 41 -4.08 10.28 -4.99
CA LYS A 41 -4.11 11.62 -4.36
C LYS A 41 -3.03 11.72 -3.29
N GLY A 42 -2.27 12.84 -3.29
CA GLY A 42 -1.15 13.03 -2.32
C GLY A 42 -1.63 13.69 -1.02
N ASP A 43 -2.34 12.93 -0.18
CA ASP A 43 -3.00 13.47 1.02
C ASP A 43 -2.34 12.95 2.32
N ARG A 44 -1.18 12.26 2.22
CA ARG A 44 -0.44 11.61 3.31
C ARG A 44 -0.88 10.15 3.52
N ASN A 45 -1.91 9.73 2.79
CA ASN A 45 -2.46 8.31 2.92
C ASN A 45 -2.12 7.45 1.69
N CYS A 46 -1.34 7.97 0.73
CA CYS A 46 -1.27 7.35 -0.58
C CYS A 46 -0.57 5.97 -0.57
N PHE A 47 0.34 5.67 0.37
CA PHE A 47 0.94 4.34 0.43
C PHE A 47 -0.11 3.28 0.74
N TYR A 48 -0.86 3.51 1.84
CA TYR A 48 -1.93 2.55 2.26
C TYR A 48 -3.00 2.38 1.18
N ARG A 49 -3.48 3.51 0.64
CA ARG A 49 -4.54 3.53 -0.38
C ARG A 49 -4.08 2.81 -1.67
N ALA A 50 -2.84 3.08 -2.14
CA ALA A 50 -2.28 2.42 -3.33
C ALA A 50 -2.08 0.93 -3.13
N LEU A 51 -1.52 0.55 -1.98
CA LEU A 51 -1.23 -0.88 -1.76
C LEU A 51 -2.53 -1.67 -1.65
N GLY A 52 -3.47 -1.11 -0.86
CA GLY A 52 -4.78 -1.70 -0.71
C GLY A 52 -5.48 -1.94 -2.03
N TYR A 53 -5.56 -0.90 -2.89
CA TYR A 53 -6.24 -1.04 -4.18
C TYR A 53 -5.52 -2.02 -5.12
N SER A 54 -4.20 -1.86 -5.30
CA SER A 54 -3.44 -2.65 -6.27
C SER A 54 -3.43 -4.14 -5.90
N TYR A 55 -3.30 -4.44 -4.61
CA TYR A 55 -3.28 -5.83 -4.19
C TYR A 55 -4.65 -6.47 -4.40
N LEU A 56 -5.75 -5.82 -3.98
CA LEU A 56 -7.07 -6.43 -4.20
C LEU A 56 -7.36 -6.59 -5.72
N GLU A 57 -6.92 -5.62 -6.54
CA GLU A 57 -7.08 -5.67 -8.01
C GLU A 57 -6.36 -6.91 -8.57
N SER A 58 -5.18 -7.25 -8.02
CA SER A 58 -4.37 -8.39 -8.50
C SER A 58 -5.06 -9.72 -8.13
N LEU A 59 -5.99 -9.72 -7.18
CA LEU A 59 -6.73 -10.95 -6.78
C LEU A 59 -7.91 -11.25 -7.72
N LEU A 60 -8.46 -10.28 -8.44
CA LEU A 60 -9.74 -10.46 -9.17
C LEU A 60 -9.69 -11.72 -10.05
N GLY A 61 -10.73 -12.55 -9.92
CA GLY A 61 -10.88 -13.81 -10.74
C GLY A 61 -10.05 -15.01 -10.26
N LYS A 62 -9.27 -14.90 -9.17
CA LYS A 62 -8.35 -15.99 -8.70
C LYS A 62 -8.97 -16.65 -7.46
N SER A 63 -9.73 -17.73 -7.67
CA SER A 63 -10.58 -18.26 -6.60
C SER A 63 -9.75 -18.84 -5.45
N ARG A 64 -8.63 -19.52 -5.70
CA ARG A 64 -7.80 -20.09 -4.55
C ARG A 64 -7.16 -18.93 -3.74
N GLU A 65 -6.59 -17.94 -4.44
CA GLU A 65 -5.83 -16.87 -3.76
C GLU A 65 -6.80 -16.00 -2.95
N ILE A 66 -8.00 -15.79 -3.47
CA ILE A 66 -9.05 -15.07 -2.74
C ILE A 66 -9.44 -15.87 -1.48
N PHE A 67 -9.65 -17.18 -1.60
CA PHE A 67 -10.01 -17.98 -0.42
C PHE A 67 -8.94 -17.84 0.67
N LYS A 68 -7.66 -17.95 0.30
CA LYS A 68 -6.54 -17.89 1.29
C LYS A 68 -6.45 -16.48 1.92
N PHE A 69 -6.67 -15.42 1.14
CA PHE A 69 -6.58 -14.06 1.67
C PHE A 69 -7.73 -13.81 2.65
N LYS A 70 -8.96 -14.17 2.27
CA LYS A 70 -10.12 -14.07 3.17
C LYS A 70 -9.81 -14.77 4.50
N GLU A 71 -9.22 -15.97 4.44
CA GLU A 71 -8.84 -16.75 5.67
C GLU A 71 -7.91 -15.91 6.56
N ARG A 72 -6.91 -15.26 5.97
CA ARG A 72 -6.00 -14.44 6.79
C ARG A 72 -6.74 -13.23 7.40
N VAL A 73 -7.53 -12.53 6.58
CA VAL A 73 -8.23 -11.31 7.01
C VAL A 73 -9.15 -11.62 8.19
N LEU A 74 -9.81 -12.81 8.17
CA LEU A 74 -10.69 -13.21 9.28
C LEU A 74 -9.94 -13.31 10.63
N GLN A 75 -8.65 -13.60 10.59
CA GLN A 75 -7.82 -13.70 11.83
C GLN A 75 -7.28 -12.33 12.29
N THR A 76 -7.31 -11.29 11.45
CA THR A 76 -6.63 -10.00 11.85
C THR A 76 -7.21 -9.39 13.13
N PRO A 77 -8.52 -9.53 13.49
CA PRO A 77 -9.01 -9.02 14.76
C PRO A 77 -8.17 -9.54 15.94
N ASN A 78 -7.65 -10.78 15.81
CA ASN A 78 -6.81 -11.34 16.90
C ASN A 78 -5.48 -10.59 17.02
N ASP A 79 -4.88 -10.16 15.90
CA ASP A 79 -3.67 -9.38 15.91
C ASP A 79 -3.93 -8.05 16.67
N LEU A 80 -5.01 -7.35 16.29
CA LEU A 80 -5.40 -6.06 16.92
C LEU A 80 -5.65 -6.22 18.43
N LEU A 81 -6.35 -7.30 18.84
CA LEU A 81 -6.64 -7.54 20.27
C LEU A 81 -5.34 -7.85 21.05
N ALA A 82 -4.43 -8.64 20.48
CA ALA A 82 -3.14 -8.95 21.15
C ALA A 82 -2.26 -7.71 21.41
N ALA A 83 -2.45 -6.66 20.60
CA ALA A 83 -1.65 -5.43 20.68
C ALA A 83 -2.36 -4.39 21.55
N GLY A 84 -3.53 -4.72 22.07
CA GLY A 84 -4.26 -3.83 23.03
C GLY A 84 -5.35 -2.96 22.41
N PHE A 85 -5.68 -3.14 21.13
CA PHE A 85 -6.83 -2.43 20.51
C PHE A 85 -8.12 -3.08 20.99
N GLU A 86 -9.15 -2.25 21.20
CA GLU A 86 -10.45 -2.76 21.69
C GLU A 86 -11.40 -3.00 20.51
N GLU A 87 -12.11 -4.12 20.52
CA GLU A 87 -12.99 -4.51 19.43
C GLU A 87 -14.02 -3.42 19.09
N HIS A 88 -14.66 -2.83 20.10
CA HIS A 88 -15.70 -1.83 19.79
C HIS A 88 -15.07 -0.59 19.13
N LYS A 89 -13.75 -0.36 19.27
CA LYS A 89 -13.11 0.76 18.58
C LYS A 89 -12.47 0.40 17.22
N PHE A 90 -12.28 -0.89 16.88
CA PHE A 90 -11.76 -1.21 15.52
C PHE A 90 -12.85 -1.75 14.60
N ARG A 91 -14.01 -2.15 15.15
CA ARG A 91 -15.14 -2.85 14.47
C ARG A 91 -15.51 -2.17 13.15
N ASN A 92 -15.69 -0.85 13.16
CA ASN A 92 -16.18 -0.15 11.96
C ASN A 92 -15.14 -0.23 10.81
N PHE A 93 -13.85 -0.26 11.15
CA PHE A 93 -12.72 -0.28 10.18
C PHE A 93 -12.49 -1.71 9.64
N PHE A 94 -12.46 -2.70 10.54
CA PHE A 94 -12.44 -4.10 10.12
C PHE A 94 -13.62 -4.41 9.19
N ASN A 95 -14.84 -3.98 9.55
CA ASN A 95 -16.00 -4.36 8.75
C ASN A 95 -15.92 -3.77 7.33
N ALA A 96 -15.35 -2.57 7.18
CA ALA A 96 -15.21 -1.95 5.88
C ALA A 96 -14.17 -2.70 5.04
N PHE A 97 -13.08 -3.17 5.65
CA PHE A 97 -12.04 -3.97 4.91
C PHE A 97 -12.59 -5.34 4.51
N TYR A 98 -13.28 -6.03 5.44
CA TYR A 98 -13.88 -7.35 5.09
C TYR A 98 -14.87 -7.20 3.93
N SER A 99 -15.71 -6.15 3.96
CA SER A 99 -16.70 -5.88 2.90
C SER A 99 -16.05 -5.75 1.52
N VAL A 100 -14.88 -5.09 1.41
CA VAL A 100 -14.30 -4.88 0.09
C VAL A 100 -13.63 -6.18 -0.41
N VAL A 101 -13.15 -7.02 0.51
CA VAL A 101 -12.67 -8.33 0.19
C VAL A 101 -13.83 -9.20 -0.36
N GLU A 102 -14.99 -9.18 0.29
CA GLU A 102 -16.14 -9.94 -0.27
C GLU A 102 -16.55 -9.39 -1.68
N LEU A 103 -16.40 -8.07 -1.89
CA LEU A 103 -16.70 -7.46 -3.19
C LEU A 103 -15.81 -8.06 -4.29
N VAL A 104 -14.53 -8.27 -3.97
CA VAL A 104 -13.57 -8.87 -4.89
C VAL A 104 -14.04 -10.28 -5.28
N GLU A 105 -14.55 -11.03 -4.30
CA GLU A 105 -15.09 -12.39 -4.49
C GLU A 105 -16.42 -12.37 -5.29
N LYS A 106 -17.40 -11.57 -4.84
CA LYS A 106 -18.79 -11.65 -5.32
C LYS A 106 -18.95 -10.90 -6.66
N ASP A 107 -18.41 -9.69 -6.73
CA ASP A 107 -18.60 -8.85 -7.85
C ASP A 107 -17.50 -9.11 -8.90
N GLY A 108 -16.25 -9.00 -8.49
CA GLY A 108 -15.14 -9.39 -9.35
C GLY A 108 -14.75 -8.37 -10.41
N SER A 109 -15.27 -7.14 -10.39
CA SER A 109 -14.94 -6.14 -11.47
C SER A 109 -13.95 -5.08 -10.99
N VAL A 110 -13.12 -4.61 -11.91
CA VAL A 110 -12.28 -3.45 -11.68
C VAL A 110 -13.16 -2.22 -11.37
N SER A 111 -14.23 -2.02 -12.16
N SER A 111 -14.25 -2.03 -12.16
CA SER A 111 -15.08 -0.84 -12.01
CA SER A 111 -15.13 -0.84 -12.05
C SER A 111 -15.64 -0.71 -10.59
C SER A 111 -15.69 -0.71 -10.63
N SER A 112 -16.14 -1.82 -10.02
CA SER A 112 -16.74 -1.79 -8.67
C SER A 112 -15.69 -1.53 -7.58
N LEU A 113 -14.51 -2.13 -7.75
CA LEU A 113 -13.39 -1.98 -6.78
C LEU A 113 -12.91 -0.52 -6.81
N LEU A 114 -12.75 0.03 -8.03
CA LEU A 114 -12.30 1.40 -8.19
C LEU A 114 -13.32 2.37 -7.58
N LYS A 115 -14.63 2.11 -7.72
CA LYS A 115 -15.64 2.98 -7.09
C LYS A 115 -15.50 3.00 -5.56
N VAL A 116 -15.34 1.83 -4.91
CA VAL A 116 -15.15 1.82 -3.42
C VAL A 116 -13.91 2.66 -3.03
N PHE A 117 -12.79 2.51 -3.76
CA PHE A 117 -11.55 3.20 -3.37
C PHE A 117 -11.62 4.70 -3.70
N ASN A 118 -12.56 5.15 -4.54
CA ASN A 118 -12.81 6.59 -4.79
C ASN A 118 -13.97 7.15 -3.98
N ASP A 119 -14.64 6.33 -3.18
CA ASP A 119 -15.65 6.76 -2.18
C ASP A 119 -14.92 7.22 -0.92
N GLN A 120 -14.98 8.51 -0.60
CA GLN A 120 -14.11 9.11 0.47
C GLN A 120 -14.28 8.34 1.78
N SER A 121 -15.56 8.04 2.10
CA SER A 121 -15.92 7.35 3.37
C SER A 121 -15.39 5.91 3.38
N ALA A 122 -15.69 5.13 2.36
CA ALA A 122 -15.31 3.71 2.36
C ALA A 122 -13.79 3.61 2.32
N SER A 123 -13.20 4.42 1.44
CA SER A 123 -11.75 4.38 1.18
C SER A 123 -10.96 4.77 2.44
N ASP A 124 -11.41 5.82 3.16
CA ASP A 124 -10.77 6.26 4.38
C ASP A 124 -10.99 5.22 5.50
N HIS A 125 -12.14 4.53 5.55
CA HIS A 125 -12.29 3.45 6.57
C HIS A 125 -11.25 2.32 6.30
N ILE A 126 -11.09 1.96 5.02
CA ILE A 126 -10.08 0.94 4.57
C ILE A 126 -8.68 1.38 5.00
N VAL A 127 -8.29 2.62 4.69
CA VAL A 127 -6.96 3.09 5.04
C VAL A 127 -6.79 3.03 6.57
N GLN A 128 -7.80 3.45 7.35
CA GLN A 128 -7.61 3.47 8.81
C GLN A 128 -7.41 2.04 9.35
N PHE A 129 -8.14 1.10 8.78
CA PHE A 129 -7.98 -0.36 9.13
C PHE A 129 -6.54 -0.80 8.86
N LEU A 130 -6.02 -0.49 7.65
CA LEU A 130 -4.65 -0.89 7.31
C LEU A 130 -3.63 -0.23 8.28
N ARG A 131 -3.83 1.04 8.68
CA ARG A 131 -2.95 1.71 9.65
C ARG A 131 -2.98 1.00 11.02
N LEU A 132 -4.15 0.62 11.49
CA LEU A 132 -4.26 -0.07 12.83
C LEU A 132 -3.55 -1.43 12.79
N LEU A 133 -3.74 -2.15 11.69
CA LEU A 133 -3.11 -3.49 11.49
C LEU A 133 -1.59 -3.37 11.43
N THR A 134 -1.08 -2.33 10.74
CA THR A 134 0.37 -2.04 10.66
C THR A 134 0.94 -1.84 12.09
N SER A 135 0.26 -0.98 12.87
CA SER A 135 0.59 -0.68 14.24
C SER A 135 0.62 -1.97 15.07
N ALA A 136 -0.48 -2.73 15.02
CA ALA A 136 -0.59 -3.99 15.77
C ALA A 136 0.60 -4.90 15.46
N PHE A 137 0.90 -5.07 14.18
CA PHE A 137 1.90 -6.06 13.76
C PHE A 137 3.31 -5.65 14.27
N ILE A 138 3.65 -4.35 14.24
CA ILE A 138 4.90 -3.78 14.82
C ILE A 138 4.94 -3.99 16.35
N ARG A 139 3.83 -3.67 17.04
CA ARG A 139 3.79 -3.72 18.53
C ARG A 139 3.98 -5.15 19.01
N ASN A 140 3.38 -6.11 18.30
CA ASN A 140 3.42 -7.56 18.64
C ASN A 140 4.79 -8.18 18.34
N ARG A 141 5.61 -7.49 17.55
CA ARG A 141 6.96 -7.93 17.15
C ARG A 141 8.00 -6.85 17.46
N ALA A 142 7.89 -6.20 18.62
CA ALA A 142 8.75 -5.03 18.91
C ALA A 142 10.24 -5.41 18.88
N ASP A 143 10.62 -6.57 19.43
CA ASP A 143 12.08 -6.99 19.49
C ASP A 143 12.63 -7.17 18.09
N PHE A 144 11.82 -7.67 17.16
CA PHE A 144 12.21 -7.85 15.72
C PHE A 144 12.46 -6.51 15.05
N PHE A 145 11.57 -5.54 15.24
CA PHE A 145 11.79 -4.22 14.66
C PHE A 145 13.04 -3.59 15.34
N ARG A 146 13.17 -3.66 16.68
CA ARG A 146 14.43 -3.14 17.34
C ARG A 146 15.71 -3.88 16.85
N HIS A 147 15.67 -5.21 16.76
CA HIS A 147 16.90 -6.01 16.42
C HIS A 147 17.38 -5.64 15.01
N PHE A 148 16.44 -5.62 14.05
CA PHE A 148 16.75 -5.57 12.61
C PHE A 148 16.62 -4.14 12.05
N ILE A 149 15.83 -3.25 12.68
CA ILE A 149 15.64 -1.86 12.11
C ILE A 149 16.48 -0.85 12.90
N ASP A 150 16.32 -0.83 14.23
CA ASP A 150 16.88 0.28 15.01
C ASP A 150 16.76 -0.03 16.51
N GLU A 151 17.90 -0.42 17.11
CA GLU A 151 18.00 -0.83 18.51
C GLU A 151 17.64 0.35 19.43
N GLU A 152 17.76 1.60 18.96
CA GLU A 152 17.57 2.82 19.81
C GLU A 152 16.13 3.36 19.77
N MET A 153 15.26 2.89 18.85
CA MET A 153 13.93 3.54 18.62
C MET A 153 12.93 3.09 19.70
N ASP A 154 12.00 4.02 20.00
CA ASP A 154 10.87 3.82 20.89
C ASP A 154 9.62 3.36 20.12
N ILE A 155 9.27 2.07 20.22
CA ILE A 155 8.31 1.43 19.30
C ILE A 155 6.89 1.92 19.54
N LYS A 156 6.48 2.04 20.81
CA LYS A 156 5.14 2.43 21.16
C LYS A 156 4.88 3.89 20.75
N ASP A 157 5.86 4.78 20.96
CA ASP A 157 5.69 6.19 20.56
C ASP A 157 5.66 6.29 19.03
N PHE A 158 6.55 5.56 18.35
CA PHE A 158 6.57 5.58 16.91
C PHE A 158 5.19 5.17 16.35
N CYS A 159 4.59 4.09 16.85
CA CYS A 159 3.29 3.64 16.29
C CYS A 159 2.17 4.68 16.57
N THR A 160 2.14 5.23 17.80
CA THR A 160 1.19 6.28 18.19
C THR A 160 1.24 7.49 17.26
N HIS A 161 2.45 7.91 16.85
CA HIS A 161 2.62 9.20 16.18
C HIS A 161 2.72 9.06 14.64
N GLU A 162 3.29 7.94 14.14
CA GLU A 162 3.73 7.88 12.74
C GLU A 162 3.08 6.73 11.97
N VAL A 163 2.17 5.99 12.60
CA VAL A 163 1.49 4.86 11.96
C VAL A 163 -0.03 5.06 12.10
N GLU A 164 -0.57 5.16 13.33
CA GLU A 164 -2.06 5.17 13.58
C GLU A 164 -2.77 6.37 12.98
N PRO A 165 -2.24 7.61 13.10
CA PRO A 165 -3.02 8.78 12.68
C PRO A 165 -3.15 8.87 11.16
N MET A 166 -4.34 9.19 10.69
CA MET A 166 -4.53 9.51 9.25
C MET A 166 -3.54 10.61 8.84
N ALA A 167 -3.08 10.51 7.58
CA ALA A 167 -2.26 11.45 6.87
C ALA A 167 -0.79 11.44 7.30
N THR A 168 -0.34 10.47 8.12
CA THR A 168 1.10 10.39 8.49
C THR A 168 1.88 9.59 7.44
N GLU A 169 3.05 10.12 7.03
CA GLU A 169 3.89 9.51 5.97
C GLU A 169 4.60 8.24 6.49
N CYS A 170 4.83 7.33 5.55
N CYS A 170 4.85 7.30 5.59
CA CYS A 170 5.45 6.02 5.75
CA CYS A 170 5.45 6.05 5.98
C CYS A 170 6.97 6.10 5.60
C CYS A 170 6.88 5.96 5.44
N ASP A 171 7.64 5.02 5.99
CA ASP A 171 9.04 4.76 5.75
C ASP A 171 9.17 3.24 5.50
N HIS A 172 10.41 2.72 5.39
CA HIS A 172 10.66 1.27 5.22
C HIS A 172 9.94 0.44 6.31
N ILE A 173 9.91 0.90 7.55
CA ILE A 173 9.32 0.05 8.62
C ILE A 173 7.83 -0.24 8.36
N GLN A 174 7.05 0.79 8.00
CA GLN A 174 5.62 0.62 7.78
C GLN A 174 5.41 -0.28 6.55
N ILE A 175 6.20 -0.07 5.49
CA ILE A 175 6.07 -0.91 4.26
C ILE A 175 6.35 -2.38 4.60
N THR A 176 7.45 -2.63 5.32
CA THR A 176 7.86 -4.02 5.67
C THR A 176 6.75 -4.66 6.53
N ALA A 177 6.30 -3.90 7.53
CA ALA A 177 5.26 -4.38 8.48
C ALA A 177 3.95 -4.76 7.78
N LEU A 178 3.39 -3.87 6.93
CA LEU A 178 2.07 -4.18 6.28
C LEU A 178 2.22 -5.32 5.26
N SER A 179 3.33 -5.31 4.50
CA SER A 179 3.71 -6.46 3.62
C SER A 179 3.66 -7.80 4.40
N GLN A 180 4.32 -7.87 5.57
CA GLN A 180 4.35 -9.11 6.36
C GLN A 180 2.96 -9.42 6.96
N ALA A 181 2.24 -8.39 7.40
CA ALA A 181 0.94 -8.56 8.09
C ALA A 181 -0.14 -9.19 7.17
N LEU A 182 -0.06 -8.95 5.86
CA LEU A 182 -1.08 -9.45 4.92
C LEU A 182 -0.46 -10.40 3.85
N SER A 183 0.83 -10.74 4.00
CA SER A 183 1.58 -11.59 3.10
C SER A 183 1.56 -11.06 1.65
N ILE A 184 1.77 -9.75 1.48
CA ILE A 184 1.72 -9.07 0.17
C ILE A 184 3.18 -8.84 -0.24
N ALA A 185 3.56 -9.36 -1.41
CA ALA A 185 4.87 -9.18 -1.98
C ALA A 185 4.82 -7.98 -2.91
N LEU A 186 5.66 -6.96 -2.64
CA LEU A 186 5.59 -5.73 -3.47
C LEU A 186 6.99 -5.22 -3.80
N GLN A 187 7.04 -4.54 -4.97
CA GLN A 187 8.28 -3.94 -5.46
C GLN A 187 8.06 -2.43 -5.62
N VAL A 188 8.98 -1.63 -5.04
CA VAL A 188 8.92 -0.18 -5.13
C VAL A 188 10.07 0.29 -6.03
N GLU A 189 9.71 1.01 -7.10
CA GLU A 189 10.66 1.68 -8.04
C GLU A 189 10.89 3.09 -7.51
N TYR A 190 12.15 3.54 -7.48
CA TYR A 190 12.55 4.86 -6.92
C TYR A 190 12.99 5.79 -8.05
N VAL A 191 12.33 6.97 -8.18
CA VAL A 191 12.69 7.99 -9.15
C VAL A 191 12.91 9.32 -8.40
N ASP A 192 14.18 9.67 -8.16
CA ASP A 192 14.54 10.97 -7.51
C ASP A 192 15.28 11.81 -8.54
N GLU A 193 15.68 13.03 -8.15
CA GLU A 193 16.28 13.94 -9.14
C GLU A 193 17.81 13.92 -9.08
N MET A 194 18.41 12.84 -8.55
CA MET A 194 19.86 12.71 -8.60
C MET A 194 20.25 11.97 -9.87
N ASP A 195 21.48 12.18 -10.34
CA ASP A 195 21.97 11.59 -11.59
C ASP A 195 22.50 10.18 -11.32
N THR A 196 21.58 9.28 -11.00
CA THR A 196 21.86 7.95 -10.46
C THR A 196 21.06 6.92 -11.27
N ALA A 197 21.30 5.64 -10.99
CA ALA A 197 20.55 4.60 -11.63
C ALA A 197 19.10 4.55 -11.11
N LEU A 198 18.14 4.37 -12.02
CA LEU A 198 16.78 3.88 -11.66
C LEU A 198 16.95 2.55 -10.91
N ASN A 199 16.33 2.41 -9.74
CA ASN A 199 16.57 1.26 -8.87
C ASN A 199 15.27 0.85 -8.17
N HIS A 200 15.24 -0.37 -7.60
CA HIS A 200 14.01 -0.85 -6.87
C HIS A 200 14.38 -1.68 -5.67
N HIS A 201 13.39 -1.91 -4.79
CA HIS A 201 13.50 -2.79 -3.59
C HIS A 201 12.26 -3.67 -3.54
N VAL A 202 12.43 -4.93 -3.15
CA VAL A 202 11.36 -5.89 -3.06
C VAL A 202 11.14 -6.19 -1.58
N PHE A 203 9.87 -6.25 -1.19
CA PHE A 203 9.44 -6.53 0.17
C PHE A 203 8.52 -7.75 0.15
N PRO A 204 8.89 -8.88 0.75
CA PRO A 204 10.21 -9.17 1.34
C PRO A 204 11.24 -9.51 0.26
N GLU A 205 12.50 -9.62 0.69
CA GLU A 205 13.68 -9.66 -0.23
C GLU A 205 13.56 -10.78 -1.28
N ALA A 206 13.07 -11.96 -0.89
CA ALA A 206 13.16 -13.08 -1.81
C ALA A 206 12.19 -12.94 -3.00
N ALA A 207 11.09 -12.22 -2.82
CA ALA A 207 9.75 -12.60 -3.33
C ALA A 207 9.51 -12.25 -4.81
N THR A 208 8.50 -12.92 -5.37
CA THR A 208 7.88 -12.54 -6.66
C THR A 208 6.72 -11.57 -6.38
N PRO A 209 6.82 -10.31 -6.83
CA PRO A 209 5.82 -9.31 -6.48
C PRO A 209 4.44 -9.50 -7.14
N SER A 210 3.41 -9.20 -6.36
CA SER A 210 2.00 -8.96 -6.75
C SER A 210 1.77 -7.55 -7.26
N VAL A 211 2.44 -6.60 -6.60
CA VAL A 211 2.17 -5.16 -6.70
C VAL A 211 3.49 -4.47 -7.07
N TYR A 212 3.45 -3.49 -7.99
CA TYR A 212 4.56 -2.59 -8.31
C TYR A 212 4.11 -1.15 -8.00
N LEU A 213 4.91 -0.38 -7.25
CA LEU A 213 4.61 1.06 -6.96
C LEU A 213 5.79 1.89 -7.45
N LEU A 214 5.50 3.11 -7.92
CA LEU A 214 6.53 4.14 -8.20
C LEU A 214 6.53 5.16 -7.04
N TYR A 215 7.70 5.33 -6.39
CA TYR A 215 7.91 6.40 -5.41
C TYR A 215 8.70 7.55 -6.05
N LYS A 216 7.99 8.68 -6.14
CA LYS A 216 8.46 9.87 -6.83
C LYS A 216 7.78 11.10 -6.18
N THR A 217 8.57 12.14 -5.91
CA THR A 217 8.13 13.38 -5.24
C THR A 217 7.22 13.00 -4.05
N SER A 218 7.70 12.09 -3.19
CA SER A 218 7.13 11.67 -1.85
C SER A 218 5.77 10.96 -1.99
N HIS A 219 5.52 10.45 -3.17
CA HIS A 219 4.25 10.04 -3.56
C HIS A 219 4.36 8.62 -4.12
N TYR A 220 3.39 7.74 -3.83
CA TYR A 220 3.32 6.33 -4.37
C TYR A 220 2.21 6.23 -5.42
N ASN A 221 2.56 5.92 -6.68
CA ASN A 221 1.63 5.64 -7.75
C ASN A 221 1.74 4.15 -8.09
N ILE A 222 0.75 3.61 -8.82
CA ILE A 222 0.65 2.19 -9.12
C ILE A 222 1.18 1.93 -10.54
N LEU A 223 2.07 0.93 -10.67
CA LEU A 223 2.62 0.54 -12.00
C LEU A 223 2.05 -0.80 -12.44
N TYR A 224 1.98 -0.99 -13.78
CA TYR A 224 1.55 -2.22 -14.42
C TYR A 224 2.70 -2.73 -15.31
N ALA A 225 3.13 -3.98 -15.08
CA ALA A 225 4.30 -4.61 -15.80
C ALA A 225 3.94 -4.85 -17.27
#